data_6FZR
#
_entry.id   6FZR
#
_cell.length_a   35.274
_cell.length_b   69.431
_cell.length_c   90.778
_cell.angle_alpha   90.00
_cell.angle_beta   90.00
_cell.angle_gamma   90.00
#
_symmetry.space_group_name_H-M   'P 21 21 21'
#
loop_
_entity.id
_entity.type
_entity.pdbx_description
1 polymer scFv-SM3
2 polymer Mucin-1
3 non-polymer 1,2-ETHANEDIOL
4 non-polymer 2-deoxy-2-[(fluoroacetyl)amino]-alpha-D-galactopyranose
5 water water
#
loop_
_entity_poly.entity_id
_entity_poly.type
_entity_poly.pdbx_seq_one_letter_code
_entity_poly.pdbx_strand_id
1 'polypeptide(L)'
;QVQLQESGGGLVQPGGSMKLSCVASGFTFSNYWMNWVRQSPEKGLEWVAEIRLKSNNYATHYAESVKGRFTISRDDSKSS
VYLQMNNLRAEDTGIYYCTGVGQFAYWGQGTTVTVSSSSGGGGSGGGGGSSGSSDIVVTQESALTTSPGETVTLTCRSST
GAVTTSNYANWVQEKPDHLFTGLIGGTNNRAPGVPARFSGSLIGDKAALTITGAQTEDEAIYFCALWYSNHWVFGGGTKL
TVLG
;
H
2 'polypeptide(L)' APDTRP P
#
loop_
_chem_comp.id
_chem_comp.type
_chem_comp.name
_chem_comp.formula
EDO non-polymer 1,2-ETHANEDIOL 'C2 H6 O2'
EEQ D-saccharide, alpha linking 2-deoxy-2-[(fluoroacetyl)amino]-alpha-D-galactopyranose 'C8 H14 F N O6'
#
# COMPACT_ATOMS: atom_id res chain seq x y z
N GLN A 1 9.36 5.12 -16.44
CA GLN A 1 9.53 4.40 -15.16
C GLN A 1 9.66 5.42 -14.02
N VAL A 2 8.75 5.30 -13.06
CA VAL A 2 8.80 6.04 -11.82
C VAL A 2 9.79 5.33 -10.89
N GLN A 3 10.48 6.11 -10.06
CA GLN A 3 11.29 5.54 -8.97
C GLN A 3 10.97 6.24 -7.66
N LEU A 4 10.91 5.44 -6.59
CA LEU A 4 10.82 5.95 -5.24
C LEU A 4 11.94 5.25 -4.49
N GLN A 5 12.76 6.00 -3.75
CA GLN A 5 13.89 5.39 -3.03
C GLN A 5 13.91 5.84 -1.59
N GLU A 6 13.67 4.89 -0.69
CA GLU A 6 13.64 5.14 0.75
C GLU A 6 15.05 5.01 1.34
N SER A 7 15.27 5.67 2.44
CA SER A 7 16.51 5.55 3.19
C SER A 7 16.27 5.94 4.63
N GLY A 8 17.14 5.47 5.52
CA GLY A 8 17.26 5.94 6.88
C GLY A 8 16.91 4.90 7.95
N GLY A 9 16.60 3.68 7.55
CA GLY A 9 16.28 2.64 8.49
C GLY A 9 17.49 2.16 9.26
N GLY A 10 17.28 1.15 10.09
CA GLY A 10 18.38 0.57 10.86
C GLY A 10 17.94 -0.28 12.02
N LEU A 11 18.77 -0.25 13.06
CA LEU A 11 18.62 -1.08 14.24
C LEU A 11 18.67 -0.14 15.44
N VAL A 12 17.55 0.02 16.12
CA VAL A 12 17.37 1.08 17.11
C VAL A 12 16.76 0.47 18.39
N GLN A 13 16.90 1.20 19.49
CA GLN A 13 16.45 0.74 20.80
C GLN A 13 15.02 1.24 21.06
N PRO A 14 14.22 0.48 21.80
CA PRO A 14 12.92 1.04 22.21
C PRO A 14 13.08 2.42 22.86
N GLY A 15 12.20 3.34 22.53
CA GLY A 15 12.25 4.72 23.03
C GLY A 15 13.03 5.63 22.09
N GLY A 16 13.76 5.05 21.14
CA GLY A 16 14.58 5.82 20.21
C GLY A 16 13.75 6.53 19.16
N SER A 17 14.47 7.33 18.37
CA SER A 17 13.93 8.13 17.26
C SER A 17 14.71 7.86 16.02
N MET A 18 14.05 8.08 14.89
CA MET A 18 14.61 7.79 13.58
C MET A 18 13.83 8.62 12.54
N LYS A 19 14.49 9.03 11.48
CA LYS A 19 13.81 9.72 10.38
C LYS A 19 14.07 9.00 9.07
N LEU A 20 12.99 8.68 8.37
CA LEU A 20 13.09 8.03 7.08
C LEU A 20 12.87 9.08 6.03
N SER A 21 13.51 8.87 4.88
CA SER A 21 13.36 9.72 3.71
C SER A 21 12.96 8.88 2.55
N CYS A 22 12.35 9.54 1.56
CA CYS A 22 12.00 8.90 0.32
C CYS A 22 12.07 9.96 -0.75
N VAL A 23 12.87 9.69 -1.80
CA VAL A 23 12.99 10.62 -2.92
CA VAL A 23 13.02 10.60 -2.94
C VAL A 23 12.34 10.01 -4.19
N ALA A 24 11.54 10.83 -4.87
CA ALA A 24 10.76 10.45 -6.02
C ALA A 24 11.21 11.13 -7.32
N SER A 25 11.07 10.39 -8.41
CA SER A 25 11.34 10.87 -9.78
C SER A 25 10.38 10.23 -10.76
N GLY A 26 10.16 10.89 -11.91
CA GLY A 26 9.37 10.34 -13.02
C GLY A 26 7.88 10.67 -13.02
N PHE A 27 7.43 11.37 -11.97
CA PHE A 27 6.07 11.87 -11.95
C PHE A 27 6.08 13.19 -11.21
N THR A 28 5.03 13.98 -11.42
CA THR A 28 4.89 15.29 -10.78
C THR A 28 4.49 15.06 -9.32
N PHE A 29 5.53 14.81 -8.52
CA PHE A 29 5.46 14.54 -7.10
C PHE A 29 4.50 15.47 -6.35
N SER A 30 4.58 16.78 -6.62
CA SER A 30 3.82 17.77 -5.86
C SER A 30 2.31 17.76 -6.11
N ASN A 31 1.86 17.07 -7.17
CA ASN A 31 0.43 16.91 -7.42
C ASN A 31 -0.24 15.72 -6.76
N TYR A 32 0.52 14.86 -6.07
CA TYR A 32 -0.04 13.62 -5.47
C TYR A 32 0.20 13.50 -3.97
N TRP A 33 -0.79 12.95 -3.28
CA TRP A 33 -0.64 12.67 -1.89
C TRP A 33 0.39 11.57 -1.78
N MET A 34 1.09 11.50 -0.65
CA MET A 34 2.03 10.40 -0.43
C MET A 34 1.69 9.71 0.87
N ASN A 35 2.07 8.45 0.94
CA ASN A 35 1.81 7.59 2.10
C ASN A 35 3.06 6.86 2.54
N TRP A 36 3.08 6.47 3.80
CA TRP A 36 4.00 5.47 4.32
C TRP A 36 3.15 4.28 4.74
N VAL A 37 3.65 3.10 4.39
CA VAL A 37 3.03 1.80 4.68
C VAL A 37 4.16 0.91 5.16
N ARG A 38 3.89 0.11 6.18
CA ARG A 38 4.89 -0.80 6.70
C ARG A 38 4.41 -2.26 6.64
N GLN A 39 5.36 -3.14 6.40
CA GLN A 39 5.14 -4.59 6.44
C GLN A 39 5.89 -5.25 7.59
N SER A 40 5.18 -5.99 8.43
CA SER A 40 5.82 -6.83 9.46
C SER A 40 5.29 -8.25 9.35
N PRO A 41 6.12 -9.25 9.76
CA PRO A 41 5.66 -10.66 9.68
C PRO A 41 4.36 -10.91 10.45
N GLU A 42 4.23 -10.36 11.65
CA GLU A 42 3.03 -10.61 12.48
C GLU A 42 1.81 -9.79 12.05
N LYS A 43 1.98 -8.48 11.81
CA LYS A 43 0.85 -7.60 11.52
C LYS A 43 0.53 -7.39 10.04
N GLY A 44 1.31 -7.98 9.13
CA GLY A 44 1.07 -7.88 7.68
C GLY A 44 1.36 -6.46 7.19
N LEU A 45 0.63 -6.05 6.15
CA LEU A 45 0.77 -4.69 5.59
C LEU A 45 -0.08 -3.76 6.39
N GLU A 46 0.50 -2.64 6.80
CA GLU A 46 -0.19 -1.67 7.63
C GLU A 46 0.06 -0.23 7.15
N TRP A 47 -1.02 0.48 6.82
CA TRP A 47 -0.92 1.89 6.43
C TRP A 47 -0.58 2.70 7.67
N VAL A 48 0.36 3.62 7.52
CA VAL A 48 0.90 4.42 8.64
C VAL A 48 0.44 5.91 8.61
N ALA A 49 0.58 6.54 7.46
CA ALA A 49 0.33 7.97 7.38
C ALA A 49 0.20 8.41 5.94
N GLU A 50 -0.54 9.50 5.73
CA GLU A 50 -0.66 10.17 4.45
C GLU A 50 -0.36 11.65 4.66
N ILE A 51 0.16 12.26 3.60
CA ILE A 51 0.27 13.71 3.52
C ILE A 51 -0.28 14.15 2.16
N ARG A 52 -1.09 15.20 2.21
CA ARG A 52 -1.82 15.72 1.06
C ARG A 52 -0.99 16.87 0.43
N LEU A 53 -1.64 17.75 -0.33
CA LEU A 53 -0.92 18.72 -1.16
C LEU A 53 -0.73 20.05 -0.48
N LYS A 54 0.13 20.87 -1.07
CA LYS A 54 0.28 22.28 -0.66
C LYS A 54 -1.09 22.98 -0.60
N SER A 55 -1.91 22.80 -1.64
CA SER A 55 -3.27 23.39 -1.68
C SER A 55 -4.25 22.85 -0.63
N ASN A 56 -3.89 21.77 0.06
CA ASN A 56 -4.61 21.25 1.22
C ASN A 56 -3.94 21.65 2.53
N ASN A 57 -3.08 22.67 2.51
CA ASN A 57 -2.28 23.05 3.67
C ASN A 57 -1.47 21.86 4.24
N TYR A 58 -1.05 20.96 3.33
CA TYR A 58 -0.30 19.75 3.70
C TYR A 58 -0.97 18.94 4.82
N ALA A 59 -2.30 18.79 4.74
CA ALA A 59 -3.06 18.00 5.73
C ALA A 59 -2.47 16.61 5.86
N THR A 60 -2.50 16.07 7.08
CA THR A 60 -1.92 14.77 7.35
C THR A 60 -2.92 13.92 8.12
N HIS A 61 -2.80 12.61 8.00
CA HIS A 61 -3.57 11.66 8.81
C HIS A 61 -2.71 10.45 9.11
N TYR A 62 -3.03 9.79 10.22
CA TYR A 62 -2.19 8.79 10.82
C TYR A 62 -3.01 7.62 11.28
N ALA A 63 -2.42 6.43 11.21
CA ALA A 63 -2.93 5.28 11.92
C ALA A 63 -3.00 5.59 13.44
N GLU A 64 -4.04 5.07 14.08
CA GLU A 64 -4.19 5.32 15.51
C GLU A 64 -2.94 4.89 16.33
N SER A 65 -2.31 3.77 15.95
CA SER A 65 -1.13 3.23 16.65
C SER A 65 0.15 4.07 16.61
N VAL A 66 0.23 5.05 15.72
CA VAL A 66 1.41 5.93 15.64
C VAL A 66 1.11 7.38 15.94
N LYS A 67 -0.12 7.69 16.24
CA LYS A 67 -0.56 9.06 16.44
C LYS A 67 0.16 9.65 17.66
N GLY A 68 0.63 10.87 17.52
CA GLY A 68 1.45 11.51 18.56
C GLY A 68 2.88 11.05 18.66
N ARG A 69 3.28 10.01 17.90
CA ARG A 69 4.65 9.52 17.88
C ARG A 69 5.35 9.76 16.55
N PHE A 70 4.58 9.68 15.46
CA PHE A 70 5.14 9.81 14.11
C PHE A 70 4.67 11.12 13.49
N THR A 71 5.51 11.68 12.62
CA THR A 71 5.19 12.89 11.87
C THR A 71 5.62 12.68 10.44
N ILE A 72 4.66 12.83 9.53
CA ILE A 72 4.93 12.80 8.09
C ILE A 72 5.08 14.23 7.58
N SER A 73 5.97 14.43 6.61
CA SER A 73 6.23 15.75 6.04
C SER A 73 6.75 15.61 4.62
N ARG A 74 6.72 16.67 3.86
CA ARG A 74 7.22 16.64 2.51
C ARG A 74 7.90 17.94 2.13
N ASP A 75 8.82 17.84 1.17
CA ASP A 75 9.53 18.97 0.57
C ASP A 75 9.42 18.82 -0.94
N ASP A 76 8.46 19.54 -1.50
CA ASP A 76 8.13 19.47 -2.91
C ASP A 76 9.28 19.99 -3.78
N SER A 77 10.11 20.90 -3.28
CA SER A 77 11.26 21.37 -4.10
C SER A 77 12.37 20.30 -4.23
N LYS A 78 12.42 19.33 -3.31
CA LYS A 78 13.33 18.18 -3.41
C LYS A 78 12.63 16.86 -3.76
N SER A 79 11.32 16.92 -4.05
CA SER A 79 10.55 15.74 -4.42
C SER A 79 10.73 14.62 -3.40
N SER A 80 10.65 14.98 -2.13
CA SER A 80 10.92 14.04 -1.05
C SER A 80 9.82 14.05 -0.02
N VAL A 81 9.64 12.90 0.61
CA VAL A 81 8.70 12.75 1.73
C VAL A 81 9.49 12.12 2.88
N TYR A 82 9.08 12.43 4.10
CA TYR A 82 9.80 12.02 5.28
C TYR A 82 8.86 11.44 6.31
N LEU A 83 9.40 10.56 7.14
CA LEU A 83 8.67 10.07 8.31
C LEU A 83 9.61 10.15 9.52
N GLN A 84 9.27 11.04 10.45
CA GLN A 84 9.97 11.17 11.72
C GLN A 84 9.24 10.25 12.72
N MET A 85 9.98 9.31 13.29
CA MET A 85 9.47 8.32 14.22
C MET A 85 10.06 8.55 15.62
N ASN A 86 9.24 8.97 16.57
CA ASN A 86 9.62 9.08 17.98
C ASN A 86 9.06 7.96 18.87
N ASN A 87 9.65 7.82 20.05
CA ASN A 87 9.19 6.86 21.03
C ASN A 87 8.93 5.48 20.40
N LEU A 88 9.91 5.00 19.62
CA LEU A 88 9.80 3.70 18.95
C LEU A 88 9.53 2.55 19.91
N ARG A 89 8.69 1.62 19.46
CA ARG A 89 8.34 0.38 20.19
C ARG A 89 8.75 -0.81 19.35
N ALA A 90 8.89 -1.95 20.00
CA ALA A 90 9.18 -3.22 19.29
C ALA A 90 8.19 -3.45 18.13
N GLU A 91 6.92 -3.09 18.39
CA GLU A 91 5.78 -3.16 17.45
C GLU A 91 5.99 -2.39 16.12
N ASP A 92 6.84 -1.36 16.15
CA ASP A 92 7.14 -0.58 14.98
C ASP A 92 8.13 -1.27 14.05
N THR A 93 8.69 -2.41 14.45
CA THR A 93 9.57 -3.16 13.56
C THR A 93 8.90 -3.54 12.25
N GLY A 94 9.56 -3.23 11.14
CA GLY A 94 9.10 -3.68 9.85
C GLY A 94 9.84 -3.06 8.72
N ILE A 95 9.38 -3.35 7.50
CA ILE A 95 9.90 -2.74 6.30
C ILE A 95 8.99 -1.58 5.97
N TYR A 96 9.57 -0.40 5.82
CA TYR A 96 8.81 0.82 5.60
C TYR A 96 8.92 1.28 4.14
N TYR A 97 7.76 1.48 3.49
CA TYR A 97 7.64 1.85 2.09
C TYR A 97 6.96 3.18 1.96
N CYS A 98 7.44 4.03 1.06
CA CYS A 98 6.68 5.21 0.62
C CYS A 98 5.95 4.82 -0.65
N THR A 99 4.71 5.28 -0.76
CA THR A 99 3.85 4.84 -1.88
C THR A 99 2.74 5.85 -2.14
N GLY A 100 2.40 6.02 -3.40
CA GLY A 100 1.25 6.84 -3.76
C GLY A 100 0.87 6.68 -5.21
N VAL A 101 -0.10 7.51 -5.60
CA VAL A 101 -0.66 7.65 -6.96
C VAL A 101 -1.77 6.63 -7.29
N GLY A 102 -2.99 7.13 -7.36
CA GLY A 102 -4.14 6.38 -7.82
C GLY A 102 -4.46 4.97 -7.32
N GLN A 103 -4.34 4.62 -6.03
CA GLN A 103 -3.82 5.37 -4.92
C GLN A 103 -2.48 4.81 -4.40
N PHE A 104 -2.12 3.57 -4.80
CA PHE A 104 -0.87 2.87 -4.35
C PHE A 104 -0.24 2.21 -5.55
N ALA A 105 -0.13 3.14 -6.87
CA ALA A 105 0.53 2.57 -8.04
C ALA A 105 1.99 2.30 -7.78
N TYR A 106 2.66 3.23 -7.09
CA TYR A 106 4.12 3.22 -7.06
C TYR A 106 4.60 3.03 -5.62
N TRP A 107 5.62 2.21 -5.48
CA TRP A 107 6.16 1.80 -4.21
C TRP A 107 7.65 1.89 -4.32
N GLY A 108 8.30 2.34 -3.25
CA GLY A 108 9.74 2.24 -3.19
C GLY A 108 10.13 0.82 -2.81
N GLN A 109 11.44 0.61 -2.74
CA GLN A 109 12.01 -0.70 -2.45
C GLN A 109 11.95 -1.05 -0.95
N GLY A 110 11.76 -0.04 -0.10
CA GLY A 110 11.60 -0.25 1.33
C GLY A 110 12.91 -0.07 2.10
N THR A 111 12.78 0.29 3.37
CA THR A 111 13.93 0.44 4.28
C THR A 111 13.52 -0.21 5.59
N THR A 112 14.40 -1.05 6.13
CA THR A 112 14.05 -1.89 7.27
C THR A 112 14.33 -1.11 8.57
N VAL A 113 13.37 -1.16 9.49
CA VAL A 113 13.49 -0.58 10.82
C VAL A 113 13.31 -1.76 11.79
N THR A 114 14.38 -2.08 12.53
CA THR A 114 14.30 -3.12 13.57
C THR A 114 14.48 -2.46 14.96
N VAL A 115 13.47 -2.62 15.82
CA VAL A 115 13.48 -2.06 17.15
C VAL A 115 13.64 -3.22 18.12
N SER A 116 14.76 -3.29 18.84
CA SER A 116 15.00 -4.40 19.79
C SER A 116 15.88 -3.97 20.96
N ASP A 135 -12.34 -1.22 15.45
CA ASP A 135 -11.33 -1.59 14.45
C ASP A 135 -12.02 -2.31 13.30
N ILE A 136 -11.60 -1.98 12.09
CA ILE A 136 -12.14 -2.57 10.88
C ILE A 136 -11.21 -3.70 10.50
N VAL A 137 -11.73 -4.87 10.17
CA VAL A 137 -10.88 -5.89 9.59
C VAL A 137 -11.30 -6.15 8.15
N VAL A 138 -10.29 -6.22 7.30
CA VAL A 138 -10.48 -6.46 5.88
C VAL A 138 -9.97 -7.87 5.64
N THR A 139 -10.81 -8.74 5.11
CA THR A 139 -10.46 -10.15 4.96
C THR A 139 -10.31 -10.55 3.49
N GLN A 140 -9.24 -11.29 3.20
CA GLN A 140 -8.98 -11.89 1.89
C GLN A 140 -8.84 -13.39 2.02
N GLU A 141 -8.97 -14.11 0.92
CA GLU A 141 -8.66 -15.55 0.89
C GLU A 141 -7.18 -15.73 1.31
N SER A 142 -6.90 -16.67 2.23
CA SER A 142 -5.50 -16.90 2.59
C SER A 142 -4.66 -17.35 1.41
N ALA A 143 -5.18 -18.34 0.66
CA ALA A 143 -4.49 -18.87 -0.52
C ALA A 143 -5.47 -19.27 -1.60
N LEU A 144 -5.02 -19.21 -2.86
CA LEU A 144 -5.75 -19.75 -3.99
C LEU A 144 -4.76 -20.39 -4.94
N THR A 145 -5.20 -21.44 -5.62
CA THR A 145 -4.35 -22.21 -6.53
C THR A 145 -5.00 -22.22 -7.90
N THR A 146 -4.24 -21.85 -8.92
CA THR A 146 -4.75 -21.85 -10.28
C THR A 146 -3.71 -22.48 -11.22
N SER A 147 -4.01 -22.42 -12.51
CA SER A 147 -3.14 -22.90 -13.57
C SER A 147 -3.04 -21.83 -14.64
N PRO A 148 -1.97 -21.86 -15.46
CA PRO A 148 -1.90 -20.90 -16.57
C PRO A 148 -3.14 -20.97 -17.46
N GLY A 149 -3.67 -19.81 -17.83
CA GLY A 149 -4.81 -19.76 -18.73
C GLY A 149 -6.17 -19.81 -18.07
N GLU A 150 -6.23 -20.04 -16.76
CA GLU A 150 -7.46 -19.98 -16.00
C GLU A 150 -7.86 -18.55 -15.64
N THR A 151 -9.13 -18.37 -15.32
CA THR A 151 -9.62 -17.13 -14.76
C THR A 151 -9.72 -17.30 -13.24
N VAL A 152 -9.06 -16.41 -12.51
CA VAL A 152 -9.07 -16.48 -11.06
C VAL A 152 -9.50 -15.15 -10.47
N THR A 153 -10.37 -15.24 -9.46
CA THR A 153 -10.90 -14.05 -8.83
C THR A 153 -10.56 -14.06 -7.32
N LEU A 154 -9.90 -13.00 -6.90
CA LEU A 154 -9.54 -12.78 -5.50
C LEU A 154 -10.54 -11.81 -4.90
N THR A 155 -10.93 -11.99 -3.63
CA THR A 155 -11.93 -11.10 -3.03
C THR A 155 -11.47 -10.44 -1.74
N CYS A 156 -12.11 -9.33 -1.39
CA CYS A 156 -11.74 -8.47 -0.32
C CYS A 156 -13.02 -8.05 0.36
N ARG A 157 -13.23 -8.52 1.60
CA ARG A 157 -14.44 -8.16 2.36
C ARG A 157 -14.12 -7.29 3.56
N SER A 158 -15.08 -6.44 3.91
CA SER A 158 -14.96 -5.55 5.05
C SER A 158 -15.87 -6.01 6.18
N SER A 159 -15.40 -5.89 7.43
CA SER A 159 -16.23 -6.14 8.61
C SER A 159 -17.34 -5.10 8.78
N THR A 160 -17.23 -3.92 8.17
CA THR A 160 -18.26 -2.88 8.32
C THR A 160 -19.57 -3.18 7.60
N GLY A 161 -19.52 -4.05 6.61
CA GLY A 161 -20.65 -4.29 5.71
C GLY A 161 -20.13 -4.33 4.29
N ALA A 162 -20.92 -3.85 3.33
CA ALA A 162 -20.58 -3.93 1.93
C ALA A 162 -19.44 -2.98 1.55
N VAL A 163 -18.59 -3.45 0.67
CA VAL A 163 -17.63 -2.62 -0.01
C VAL A 163 -18.37 -1.92 -1.14
N THR A 164 -18.19 -0.61 -1.22
CA THR A 164 -18.77 0.17 -2.29
C THR A 164 -17.67 0.94 -2.96
N THR A 165 -18.01 1.66 -4.01
CA THR A 165 -17.05 2.55 -4.67
C THR A 165 -16.51 3.66 -3.74
N SER A 166 -17.22 4.03 -2.65
CA SER A 166 -16.68 4.95 -1.64
C SER A 166 -15.55 4.38 -0.75
N ASN A 167 -15.26 3.09 -0.87
CA ASN A 167 -14.05 2.50 -0.29
C ASN A 167 -12.81 2.49 -1.18
N TYR A 168 -12.94 2.86 -2.45
CA TYR A 168 -11.80 3.09 -3.33
C TYR A 168 -10.81 1.94 -3.32
N ALA A 169 -11.31 0.72 -3.51
CA ALA A 169 -10.51 -0.48 -3.33
C ALA A 169 -9.28 -0.42 -4.20
N ASN A 170 -8.14 -0.67 -3.59
CA ASN A 170 -6.86 -0.85 -4.29
C ASN A 170 -6.39 -2.30 -4.19
N TRP A 171 -5.65 -2.74 -5.20
CA TRP A 171 -4.98 -4.02 -5.21
C TRP A 171 -3.52 -3.84 -5.56
N VAL A 172 -2.66 -4.47 -4.78
CA VAL A 172 -1.21 -4.37 -4.87
CA VAL A 172 -1.21 -4.38 -4.98
C VAL A 172 -0.61 -5.77 -4.93
N GLN A 173 0.48 -5.97 -5.66
CA GLN A 173 1.09 -7.29 -5.80
C GLN A 173 2.48 -7.26 -5.13
N GLU A 174 2.80 -8.28 -4.34
CA GLU A 174 4.13 -8.44 -3.74
C GLU A 174 4.80 -9.67 -4.34
N LYS A 175 6.01 -9.48 -4.84
CA LYS A 175 6.84 -10.56 -5.38
C LYS A 175 8.18 -10.55 -4.65
N PRO A 176 8.99 -11.60 -4.84
CA PRO A 176 10.29 -11.57 -4.16
C PRO A 176 11.19 -10.45 -4.74
N ASP A 177 11.91 -9.70 -3.92
CA ASP A 177 11.92 -9.87 -2.46
C ASP A 177 11.33 -8.59 -1.86
N HIS A 178 10.11 -8.72 -1.33
CA HIS A 178 9.40 -7.59 -0.79
C HIS A 178 9.29 -6.44 -1.78
N LEU A 179 9.01 -6.81 -3.04
CA LEU A 179 8.89 -5.89 -4.17
C LEU A 179 7.41 -5.67 -4.41
N PHE A 180 6.92 -4.44 -4.27
CA PHE A 180 5.48 -4.14 -4.44
C PHE A 180 5.20 -3.34 -5.70
N THR A 181 4.08 -3.67 -6.35
CA THR A 181 3.56 -2.83 -7.44
C THR A 181 2.03 -2.73 -7.36
N GLY A 182 1.52 -1.53 -7.56
CA GLY A 182 0.07 -1.34 -7.50
C GLY A 182 -0.52 -1.80 -8.81
N LEU A 183 -1.69 -2.42 -8.77
CA LEU A 183 -2.34 -2.90 -9.97
C LEU A 183 -3.61 -2.16 -10.32
N ILE A 184 -4.41 -1.88 -9.31
CA ILE A 184 -5.78 -1.36 -9.46
C ILE A 184 -5.99 -0.34 -8.34
N GLY A 185 -6.52 0.84 -8.67
CA GLY A 185 -7.05 1.76 -7.68
C GLY A 185 -8.41 2.26 -8.06
N GLY A 186 -9.03 3.00 -7.17
CA GLY A 186 -10.39 3.51 -7.37
C GLY A 186 -11.37 2.43 -7.79
N THR A 187 -11.25 1.25 -7.18
CA THR A 187 -12.08 0.08 -7.46
C THR A 187 -11.68 -0.69 -8.73
N ASN A 188 -11.59 0.00 -9.86
CA ASN A 188 -11.42 -0.69 -11.12
C ASN A 188 -10.53 0.00 -12.14
N ASN A 189 -9.67 0.90 -11.71
CA ASN A 189 -8.80 1.64 -12.63
C ASN A 189 -7.46 0.95 -12.62
N ARG A 190 -7.02 0.44 -13.77
CA ARG A 190 -5.69 -0.18 -13.89
C ARG A 190 -4.61 0.87 -13.77
N ALA A 191 -3.56 0.59 -13.03
CA ALA A 191 -2.42 1.53 -12.97
C ALA A 191 -1.67 1.51 -14.31
N PRO A 192 -0.99 2.62 -14.67
CA PRO A 192 -0.28 2.62 -15.96
C PRO A 192 0.73 1.47 -16.10
N GLY A 193 0.78 0.88 -17.28
CA GLY A 193 1.67 -0.24 -17.54
C GLY A 193 1.29 -1.56 -16.90
N VAL A 194 0.15 -1.64 -16.21
CA VAL A 194 -0.32 -2.90 -15.64
C VAL A 194 -0.92 -3.76 -16.75
N PRO A 195 -0.55 -5.07 -16.85
CA PRO A 195 -1.12 -5.87 -17.95
C PRO A 195 -2.67 -5.90 -18.00
N ALA A 196 -3.19 -6.09 -19.21
CA ALA A 196 -4.61 -6.11 -19.47
C ALA A 196 -5.37 -7.22 -18.77
N ARG A 197 -4.69 -8.34 -18.50
CA ARG A 197 -5.32 -9.49 -17.81
C ARG A 197 -5.80 -9.20 -16.38
N PHE A 198 -5.35 -8.11 -15.77
CA PHE A 198 -5.80 -7.68 -14.45
C PHE A 198 -7.00 -6.73 -14.53
N SER A 199 -8.02 -7.02 -13.72
CA SER A 199 -9.24 -6.22 -13.65
C SER A 199 -9.77 -6.14 -12.23
N GLY A 200 -10.39 -5.02 -11.89
CA GLY A 200 -11.01 -4.85 -10.58
C GLY A 200 -12.51 -4.72 -10.72
N SER A 201 -13.23 -5.25 -9.74
CA SER A 201 -14.66 -5.21 -9.75
C SER A 201 -15.22 -5.14 -8.31
N LEU A 202 -16.53 -4.92 -8.24
CA LEU A 202 -17.30 -5.10 -7.01
C LEU A 202 -18.31 -6.20 -7.30
N ILE A 203 -18.33 -7.23 -6.45
CA ILE A 203 -19.12 -8.41 -6.69
C ILE A 203 -19.70 -8.84 -5.36
N GLY A 204 -21.02 -8.98 -5.31
CA GLY A 204 -21.69 -9.29 -4.04
C GLY A 204 -21.17 -8.59 -2.78
N ASP A 205 -21.09 -7.26 -2.82
CA ASP A 205 -20.60 -6.46 -1.68
C ASP A 205 -19.15 -6.74 -1.19
N LYS A 206 -18.30 -7.27 -2.07
CA LYS A 206 -16.86 -7.44 -1.84
C LYS A 206 -16.17 -6.75 -2.99
N ALA A 207 -14.96 -6.25 -2.77
CA ALA A 207 -14.09 -5.90 -3.91
C ALA A 207 -13.40 -7.17 -4.43
N ALA A 208 -13.05 -7.13 -5.70
CA ALA A 208 -12.53 -8.30 -6.36
C ALA A 208 -11.50 -7.91 -7.39
N LEU A 209 -10.42 -8.69 -7.45
CA LEU A 209 -9.40 -8.65 -8.48
C LEU A 209 -9.50 -9.92 -9.30
N THR A 210 -9.60 -9.78 -10.62
CA THR A 210 -9.67 -10.92 -11.51
C THR A 210 -8.48 -10.94 -12.42
N ILE A 211 -7.87 -12.12 -12.56
CA ILE A 211 -6.83 -12.35 -13.53
C ILE A 211 -7.47 -13.24 -14.61
N THR A 212 -7.64 -12.67 -15.80
CA THR A 212 -8.32 -13.38 -16.88
C THR A 212 -7.26 -13.99 -17.76
N GLY A 213 -6.94 -15.23 -17.45
CA GLY A 213 -5.86 -15.94 -18.12
C GLY A 213 -4.60 -15.77 -17.30
N ALA A 214 -4.52 -16.57 -16.22
CA ALA A 214 -3.37 -16.44 -15.29
C ALA A 214 -2.09 -16.91 -15.97
N GLN A 215 -0.97 -16.27 -15.62
CA GLN A 215 0.32 -16.63 -16.17
C GLN A 215 1.24 -17.04 -15.02
N THR A 216 2.27 -17.81 -15.32
CA THR A 216 3.15 -18.32 -14.24
C THR A 216 3.75 -17.19 -13.38
N GLU A 217 4.14 -16.09 -14.02
CA GLU A 217 4.66 -14.92 -13.33
C GLU A 217 3.69 -14.18 -12.39
N ASP A 218 2.41 -14.59 -12.41
CA ASP A 218 1.44 -14.01 -11.52
C ASP A 218 1.45 -14.69 -10.15
N GLU A 219 2.25 -15.73 -9.98
CA GLU A 219 2.43 -16.31 -8.66
C GLU A 219 3.04 -15.23 -7.73
N ALA A 220 2.32 -14.88 -6.65
CA ALA A 220 2.63 -13.69 -5.85
C ALA A 220 1.65 -13.60 -4.71
N ILE A 221 1.88 -12.63 -3.82
CA ILE A 221 0.93 -12.28 -2.74
C ILE A 221 0.16 -11.03 -3.18
N TYR A 222 -1.16 -11.10 -3.08
CA TYR A 222 -1.98 -9.96 -3.52
C TYR A 222 -2.67 -9.36 -2.31
N PHE A 223 -2.50 -8.05 -2.11
CA PHE A 223 -3.17 -7.33 -1.03
C PHE A 223 -4.23 -6.38 -1.53
N CYS A 224 -5.35 -6.30 -0.83
CA CYS A 224 -6.31 -5.25 -1.08
C CYS A 224 -6.20 -4.21 0.00
N ALA A 225 -6.56 -3.00 -0.34
CA ALA A 225 -6.71 -1.92 0.61
C ALA A 225 -8.02 -1.17 0.42
N LEU A 226 -8.69 -0.83 1.53
CA LEU A 226 -9.97 -0.13 1.52
C LEU A 226 -9.89 1.16 2.35
N TRP A 227 -10.56 2.18 1.85
CA TRP A 227 -10.54 3.53 2.43
C TRP A 227 -11.76 3.75 3.29
N TYR A 228 -11.55 4.25 4.50
CA TYR A 228 -12.65 4.60 5.42
C TYR A 228 -12.48 6.02 5.92
N SER A 229 -12.93 6.97 5.11
CA SER A 229 -13.05 8.40 5.41
C SER A 229 -11.74 9.18 5.52
N ASN A 230 -10.79 8.72 6.33
CA ASN A 230 -9.48 9.35 6.47
C ASN A 230 -8.37 8.36 6.82
N HIS A 231 -8.55 7.09 6.47
CA HIS A 231 -7.50 6.10 6.59
C HIS A 231 -7.74 4.86 5.74
N TRP A 232 -6.65 4.14 5.50
CA TRP A 232 -6.67 2.91 4.74
C TRP A 232 -6.52 1.74 5.69
N VAL A 233 -7.27 0.67 5.39
CA VAL A 233 -7.06 -0.63 6.04
C VAL A 233 -6.69 -1.67 4.96
N PHE A 234 -5.51 -2.26 5.09
CA PHE A 234 -5.09 -3.36 4.24
C PHE A 234 -5.63 -4.73 4.71
N GLY A 235 -5.93 -5.58 3.75
CA GLY A 235 -6.25 -6.97 4.02
C GLY A 235 -5.03 -7.78 4.37
N GLY A 236 -5.24 -9.04 4.73
CA GLY A 236 -4.14 -9.92 5.13
C GLY A 236 -3.31 -10.49 4.01
N GLY A 237 -3.73 -10.29 2.74
CA GLY A 237 -3.05 -10.86 1.58
C GLY A 237 -3.53 -12.25 1.19
N THR A 238 -3.49 -12.55 -0.10
CA THR A 238 -3.76 -13.85 -0.63
C THR A 238 -2.52 -14.33 -1.35
N LYS A 239 -2.07 -15.52 -1.01
CA LYS A 239 -1.06 -16.21 -1.73
C LYS A 239 -1.66 -16.94 -2.93
N LEU A 240 -1.27 -16.52 -4.12
CA LEU A 240 -1.72 -17.15 -5.34
C LEU A 240 -0.60 -18.01 -5.86
N THR A 241 -0.87 -19.31 -6.00
CA THR A 241 0.01 -20.28 -6.61
C THR A 241 -0.49 -20.60 -8.02
N VAL A 242 0.43 -20.58 -8.99
CA VAL A 242 0.12 -20.90 -10.37
C VAL A 242 0.91 -22.16 -10.72
N LEU A 243 0.19 -23.26 -10.89
CA LEU A 243 0.78 -24.59 -11.13
C LEU A 243 0.59 -25.03 -12.58
N GLY A 244 1.63 -25.56 -13.21
CA GLY A 244 1.47 -26.33 -14.47
C GLY A 244 1.70 -25.44 -15.68
N ALA B 1 -12.58 11.02 -2.46
CA ALA B 1 -12.25 11.19 -1.01
C ALA B 1 -10.76 10.98 -0.69
N PRO B 2 -10.16 9.82 -1.07
CA PRO B 2 -8.69 9.74 -1.06
C PRO B 2 -8.12 10.48 -2.29
N ASP B 3 -6.84 10.27 -2.60
CA ASP B 3 -6.24 10.87 -3.80
C ASP B 3 -6.72 10.20 -5.08
N THR B 4 -7.75 10.78 -5.67
CA THR B 4 -8.37 10.22 -6.88
C THR B 4 -7.87 10.90 -8.17
N ARG B 5 -6.74 11.62 -8.10
CA ARG B 5 -6.09 12.15 -9.30
C ARG B 5 -5.50 11.00 -10.10
N PRO B 6 -5.77 10.95 -11.43
CA PRO B 6 -5.25 9.80 -12.20
C PRO B 6 -3.75 9.92 -12.52
C1 EDO C . 20.74 4.79 4.46
O1 EDO C . 21.42 4.55 3.25
C2 EDO C . 19.43 4.04 4.51
O2 EDO C . 19.67 2.81 5.15
C1 EDO D . -4.45 -2.90 8.13
O1 EDO D . -3.94 -4.15 7.64
C2 EDO D . -3.45 -1.85 7.72
O2 EDO D . -3.89 -0.56 7.34
C1 EDO E . 5.57 21.38 4.97
O1 EDO E . 6.70 21.38 4.09
C2 EDO E . 4.83 20.07 4.77
O2 EDO E . 5.55 18.99 5.36
C1 EDO F . 14.46 -4.47 0.75
O1 EDO F . 13.54 -5.30 1.47
C2 EDO F . 14.67 -3.19 1.55
O2 EDO F . 15.29 -3.45 2.83
C1 EDO G . -12.72 -13.97 1.31
O1 EDO G . -12.84 -12.58 1.00
C2 EDO G . -13.48 -14.30 2.59
O2 EDO G . -12.90 -15.47 3.19
C1 EDO H . -25.23 -9.50 -3.08
O1 EDO H . -25.00 -8.29 -3.74
C2 EDO H . -25.17 -9.22 -1.59
O2 EDO H . -24.34 -10.18 -0.98
C1 EDO I . -13.62 5.03 -12.37
O1 EDO I . -13.39 3.89 -13.20
C2 EDO I . -13.45 4.64 -10.91
O2 EDO I . -14.70 4.16 -10.39
C1 EDO J . -11.16 -18.24 -7.74
O1 EDO J . -11.60 -17.74 -9.01
C2 EDO J . -12.33 -18.30 -6.76
O2 EDO J . -12.57 -17.01 -6.23
C8 EEQ K . -8.10 15.52 -8.26
F23 EEQ K . -7.42 14.99 -9.00
C7 EEQ K . -9.49 14.97 -8.42
O7 EEQ K . -10.08 15.06 -9.49
N2 EEQ K . -9.96 14.41 -7.32
C2 EEQ K . -11.25 13.77 -7.27
C1 EEQ K . -11.15 12.26 -7.41
O5 EEQ K . -12.49 11.81 -7.54
C5 EEQ K . -13.01 11.95 -6.27
C6 EEQ K . -14.33 11.21 -6.05
O6 EEQ K . -14.24 9.83 -6.39
C4 EEQ K . -13.17 13.43 -5.95
O4 EEQ K . -13.98 14.10 -6.91
C3 EEQ K . -11.83 14.05 -5.94
O3 EEQ K . -11.92 15.41 -5.77
#